data_8JLG
#
_entry.id   8JLG
#
_cell.length_a   1.00
_cell.length_b   1.00
_cell.length_c   1.00
_cell.angle_alpha   90.00
_cell.angle_beta   90.00
_cell.angle_gamma   90.00
#
_symmetry.space_group_name_H-M   'P 1'
#
loop_
_entity.id
_entity.type
_entity.pdbx_description
1 polymer 'Synaptic vesicle glycoprotein 2A'
2 polymer 'Botulinum neurotoxin'
3 branched 2-acetamido-2-deoxy-beta-D-glucopyranose-(1-4)-[alpha-L-fucopyranose-(1-6)]2-acetamido-2-deoxy-beta-D-glucopyranose
4 non-polymer 2-acetamido-2-deoxy-beta-D-glucopyranose
#
loop_
_entity_poly.entity_id
_entity_poly.type
_entity_poly.pdbx_seq_one_letter_code
_entity_poly.pdbx_strand_id
1 'polypeptide(L)'
;YASRTKVFPGERVEHVTFNFTLENQIHRGGQYFNDKFIGLRLKSVSFEDSLFEECYFEDVTSSNTFFRNCTFINTVFYNT
DLFEYKFVNSRLINSTFLHNKEGCPLDVTGT
;
A
2 'polypeptide(L)'
;KNIVNTSILSIVYKKDDLIDLSRYGAKINIGDRVYYDSIDKNQIKLINLESSTIEVILKNAIVYNSMYENFSTSFWIKIP
KYFSKINLNNEYTIINCIENNSGWKVSLNYGEIIWTLQDNKQNIQRVVFKYSQMVNISDYINRWIFVTITNNRLTKSKIY
INGRLIDQKPISNLGNIHASNKIMFKLDGCRDPRRYIMIKYFNLFDKELNEKEIKDLYDSQSNSGILKDFWGNYLQYDKP
YYMLNLFDPNKYVDVNNIGIRGYMYLKGPRGSVVTTNIYLNSTLYEGTKFIIKKYASGNEDNIVRNNDRVYINVVVKNKE
YRLATNASQAGVEKILSALEIPDVGNLSQVVVMKSKDDQGIRNKCKMNLQDNNGNDIGFIGFHLYDNIAKLVASNWYNRQ
VGKASRTFGCSWEFIPVDDGWGESSL
;
B
#
# COMPACT_ATOMS: atom_id res chain seq x y z
N TYR A 1 35.54 -32.19 -16.81
CA TYR A 1 34.25 -32.07 -16.06
C TYR A 1 33.10 -31.73 -17.00
N ALA A 2 33.30 -30.64 -17.73
CA ALA A 2 32.38 -30.19 -18.76
C ALA A 2 32.15 -31.27 -19.82
N SER A 3 33.09 -32.23 -19.94
CA SER A 3 32.96 -33.33 -20.88
C SER A 3 31.96 -34.36 -20.37
N ARG A 4 31.67 -34.36 -19.06
CA ARG A 4 30.82 -35.39 -18.49
C ARG A 4 29.40 -34.90 -18.25
N THR A 5 29.08 -33.67 -18.65
CA THR A 5 27.75 -33.11 -18.37
C THR A 5 26.66 -33.93 -19.03
N LYS A 6 25.62 -34.23 -18.24
CA LYS A 6 24.45 -34.91 -18.73
C LYS A 6 23.37 -33.90 -19.07
N VAL A 7 22.66 -34.17 -20.16
CA VAL A 7 21.67 -33.28 -20.71
C VAL A 7 20.36 -34.05 -20.81
N PHE A 8 19.27 -33.38 -20.39
CA PHE A 8 17.94 -33.96 -20.45
C PHE A 8 17.04 -33.07 -21.28
N PRO A 9 16.96 -33.28 -22.60
CA PRO A 9 16.18 -32.39 -23.45
C PRO A 9 14.69 -32.73 -23.41
N GLY A 10 13.92 -31.83 -22.79
CA GLY A 10 12.47 -31.95 -22.81
C GLY A 10 11.96 -32.79 -21.64
N GLU A 11 11.22 -32.14 -20.73
CA GLU A 11 10.65 -32.81 -19.58
C GLU A 11 9.31 -32.16 -19.26
N ARG A 12 8.39 -32.95 -18.69
CA ARG A 12 7.09 -32.44 -18.30
C ARG A 12 6.69 -33.05 -16.97
N VAL A 13 7.05 -32.37 -15.88
CA VAL A 13 6.71 -32.83 -14.54
C VAL A 13 5.50 -32.06 -14.04
N GLU A 14 4.64 -32.75 -13.30
CA GLU A 14 3.36 -32.15 -12.93
C GLU A 14 2.90 -32.80 -11.62
N HIS A 15 2.73 -31.97 -10.60
CA HIS A 15 2.22 -32.38 -9.29
C HIS A 15 3.08 -33.46 -8.64
N VAL A 16 4.31 -33.13 -8.27
CA VAL A 16 5.08 -34.01 -7.40
C VAL A 16 6.03 -33.18 -6.54
N THR A 17 6.22 -33.60 -5.29
CA THR A 17 7.25 -33.04 -4.44
C THR A 17 8.56 -33.74 -4.76
N PHE A 18 9.55 -32.96 -5.19
CA PHE A 18 10.69 -33.50 -5.91
C PHE A 18 11.98 -32.89 -5.40
N ASN A 19 12.67 -33.63 -4.53
CA ASN A 19 13.96 -33.24 -4.02
C ASN A 19 15.06 -34.12 -4.61
N PHE A 20 16.31 -33.64 -4.50
CA PHE A 20 17.45 -34.39 -4.98
C PHE A 20 18.74 -33.70 -4.58
N THR A 21 19.87 -34.26 -5.01
CA THR A 21 21.14 -33.57 -5.09
C THR A 21 21.78 -33.99 -6.39
N LEU A 22 21.80 -33.07 -7.37
CA LEU A 22 22.33 -33.35 -8.69
C LEU A 22 23.54 -32.46 -8.95
N GLU A 23 24.48 -33.01 -9.73
CA GLU A 23 25.71 -32.31 -10.04
C GLU A 23 25.97 -32.38 -11.55
N ASN A 24 26.33 -31.25 -12.14
CA ASN A 24 26.75 -31.19 -13.53
C ASN A 24 25.67 -31.77 -14.43
N GLN A 25 24.57 -31.02 -14.52
CA GLN A 25 23.46 -31.37 -15.39
C GLN A 25 23.03 -30.12 -16.14
N ILE A 26 22.35 -30.36 -17.25
CA ILE A 26 21.64 -29.32 -17.97
C ILE A 26 20.25 -29.84 -18.29
N HIS A 27 19.22 -29.06 -17.85
CA HIS A 27 17.85 -29.33 -18.28
C HIS A 27 17.40 -28.29 -19.30
N ARG A 28 16.90 -28.74 -20.44
CA ARG A 28 16.47 -27.85 -21.49
C ARG A 28 15.02 -28.18 -21.89
N GLY A 29 14.19 -27.15 -21.89
CA GLY A 29 12.82 -27.28 -22.37
C GLY A 29 11.86 -27.96 -21.40
N GLY A 30 12.18 -27.96 -20.09
CA GLY A 30 11.28 -28.57 -19.12
C GLY A 30 10.01 -27.73 -18.93
N GLN A 31 8.95 -28.38 -18.44
CA GLN A 31 7.70 -27.72 -18.13
C GLN A 31 7.12 -28.29 -16.85
N TYR A 32 7.28 -27.57 -15.74
CA TYR A 32 6.83 -28.02 -14.44
C TYR A 32 5.58 -27.27 -14.00
N PHE A 33 4.57 -28.01 -13.55
CA PHE A 33 3.29 -27.45 -13.13
C PHE A 33 2.99 -27.97 -11.72
N ASN A 34 2.91 -27.04 -10.76
CA ASN A 34 2.53 -27.32 -9.39
C ASN A 34 3.48 -28.36 -8.79
N ASP A 35 4.76 -27.98 -8.68
CA ASP A 35 5.77 -28.86 -8.13
C ASP A 35 6.38 -28.24 -6.89
N LYS A 36 6.82 -29.08 -5.97
CA LYS A 36 7.46 -28.65 -4.74
C LYS A 36 8.92 -29.08 -4.77
N PHE A 37 9.84 -28.17 -4.52
CA PHE A 37 11.26 -28.47 -4.41
C PHE A 37 11.75 -28.17 -3.00
N ILE A 38 11.85 -29.21 -2.18
CA ILE A 38 12.22 -29.07 -0.79
C ILE A 38 13.60 -29.63 -0.57
N GLY A 39 14.50 -28.81 -0.05
CA GLY A 39 15.76 -29.29 0.51
C GLY A 39 16.62 -30.02 -0.50
N LEU A 40 17.13 -29.26 -1.46
CA LEU A 40 17.92 -29.84 -2.51
C LEU A 40 19.14 -28.96 -2.72
N ARG A 41 20.24 -29.63 -3.11
CA ARG A 41 21.47 -28.94 -3.45
C ARG A 41 21.69 -29.03 -4.95
N LEU A 42 22.19 -27.95 -5.53
CA LEU A 42 22.43 -27.87 -6.96
C LEU A 42 23.89 -27.47 -7.16
N LYS A 43 24.69 -28.40 -7.72
CA LYS A 43 26.05 -28.09 -8.12
C LYS A 43 26.17 -28.14 -9.64
N SER A 44 26.48 -27.00 -10.25
CA SER A 44 26.70 -26.88 -11.69
C SER A 44 25.50 -27.41 -12.47
N VAL A 45 24.30 -27.12 -11.97
CA VAL A 45 23.06 -27.51 -12.62
C VAL A 45 22.47 -26.32 -13.28
N SER A 46 22.07 -26.45 -14.52
CA SER A 46 21.60 -25.31 -15.30
C SER A 46 20.26 -25.70 -15.88
N PHE A 47 19.27 -24.80 -15.68
CA PHE A 47 17.97 -24.96 -16.26
C PHE A 47 17.85 -24.01 -17.43
N GLU A 48 17.34 -24.52 -18.54
CA GLU A 48 17.29 -23.72 -19.75
C GLU A 48 15.91 -23.90 -20.40
N ASP A 49 15.38 -22.80 -20.90
CA ASP A 49 14.13 -22.82 -21.66
C ASP A 49 13.01 -23.53 -20.89
N SER A 50 12.96 -23.33 -19.57
CA SER A 50 12.03 -24.00 -18.70
C SER A 50 10.83 -23.09 -18.38
N LEU A 51 9.74 -23.70 -17.92
CA LEU A 51 8.59 -23.00 -17.37
C LEU A 51 8.26 -23.58 -15.99
N PHE A 52 8.22 -22.70 -14.99
CA PHE A 52 7.80 -23.07 -13.64
C PHE A 52 6.52 -22.30 -13.35
N GLU A 53 5.49 -22.99 -12.91
CA GLU A 53 4.16 -22.39 -12.89
C GLU A 53 3.43 -22.92 -11.66
N GLU A 54 3.19 -22.04 -10.67
CA GLU A 54 2.93 -22.37 -9.28
C GLU A 54 3.89 -23.43 -8.76
N CYS A 55 5.19 -23.16 -8.84
CA CYS A 55 6.13 -24.02 -8.16
C CYS A 55 6.42 -23.48 -6.76
N TYR A 56 7.26 -24.18 -6.01
CA TYR A 56 7.60 -23.80 -4.66
C TYR A 56 8.98 -24.32 -4.31
N PHE A 57 9.90 -23.40 -4.00
CA PHE A 57 11.26 -23.74 -3.68
C PHE A 57 11.53 -23.48 -2.22
N GLU A 58 11.92 -24.51 -1.49
CA GLU A 58 12.18 -24.39 -0.05
C GLU A 58 13.48 -25.06 0.32
N ASP A 59 14.36 -24.30 0.98
CA ASP A 59 15.65 -24.79 1.43
C ASP A 59 16.44 -25.27 0.24
N VAL A 60 16.76 -24.35 -0.66
CA VAL A 60 17.53 -24.66 -1.86
C VAL A 60 18.89 -24.05 -1.74
N THR A 61 19.93 -24.87 -1.84
CA THR A 61 21.31 -24.39 -1.83
C THR A 61 21.88 -24.55 -3.23
N SER A 62 22.37 -23.45 -3.78
CA SER A 62 22.75 -23.37 -5.19
C SER A 62 24.23 -23.09 -5.29
N SER A 63 24.94 -23.97 -6.02
CA SER A 63 26.37 -23.86 -6.25
C SER A 63 26.60 -23.83 -7.75
N ASN A 64 26.86 -22.64 -8.29
CA ASN A 64 27.03 -22.46 -9.72
C ASN A 64 25.82 -23.00 -10.50
N THR A 65 24.63 -22.48 -10.22
CA THR A 65 23.39 -22.88 -10.87
C THR A 65 22.70 -21.68 -11.46
N PHE A 66 22.11 -21.86 -12.64
CA PHE A 66 21.53 -20.75 -13.40
C PHE A 66 20.19 -21.14 -13.95
N PHE A 67 19.35 -20.13 -14.20
CA PHE A 67 18.08 -20.28 -14.88
C PHE A 67 18.10 -19.34 -16.06
N ARG A 68 18.33 -19.88 -17.27
CA ARG A 68 18.44 -19.06 -18.46
C ARG A 68 17.20 -19.27 -19.31
N ASN A 69 16.66 -18.17 -19.87
CA ASN A 69 15.50 -18.20 -20.72
C ASN A 69 14.36 -18.96 -20.05
N CYS A 70 14.27 -18.80 -18.70
CA CYS A 70 13.27 -19.47 -17.89
C CYS A 70 12.15 -18.52 -17.50
N THR A 71 10.96 -19.10 -17.29
CA THR A 71 9.76 -18.37 -16.99
C THR A 71 9.17 -18.93 -15.73
N PHE A 72 8.95 -18.05 -14.73
CA PHE A 72 8.38 -18.44 -13.45
C PHE A 72 7.06 -17.71 -13.26
N ILE A 73 6.04 -18.48 -12.82
CA ILE A 73 4.69 -17.93 -12.74
C ILE A 73 4.09 -18.37 -11.43
N ASN A 74 3.78 -17.39 -10.54
CA ASN A 74 3.13 -17.66 -9.27
C ASN A 74 3.97 -18.63 -8.45
N THR A 75 5.29 -18.47 -8.53
CA THR A 75 6.19 -19.36 -7.80
C THR A 75 6.72 -18.64 -6.56
N VAL A 76 7.12 -19.44 -5.57
CA VAL A 76 7.59 -18.95 -4.29
C VAL A 76 8.99 -19.49 -4.04
N PHE A 77 9.90 -18.60 -3.65
CA PHE A 77 11.25 -18.99 -3.29
C PHE A 77 11.46 -18.75 -1.81
N TYR A 78 11.13 -19.71 -1.00
CA TYR A 78 11.19 -19.59 0.46
C TYR A 78 12.47 -20.24 0.98
N ASN A 79 13.28 -19.44 1.67
CA ASN A 79 14.52 -19.94 2.28
C ASN A 79 15.47 -20.55 1.24
N THR A 80 15.78 -19.77 0.21
CA THR A 80 16.63 -20.22 -0.87
C THR A 80 17.69 -19.19 -1.15
N ASP A 81 18.81 -19.65 -1.68
CA ASP A 81 19.88 -18.75 -2.09
C ASP A 81 19.90 -18.50 -3.59
N LEU A 82 18.71 -18.55 -4.22
CA LEU A 82 18.59 -18.24 -5.64
C LEU A 82 18.51 -16.74 -5.79
N PHE A 83 19.67 -16.07 -5.81
CA PHE A 83 19.72 -14.63 -5.88
C PHE A 83 19.44 -14.15 -7.32
N GLU A 84 19.56 -12.85 -7.53
CA GLU A 84 19.11 -12.24 -8.77
C GLU A 84 20.12 -12.43 -9.90
N TYR A 85 21.31 -12.92 -9.59
CA TYR A 85 22.32 -13.18 -10.61
C TYR A 85 22.22 -14.63 -11.13
N LYS A 86 21.39 -15.47 -10.53
CA LYS A 86 21.19 -16.82 -11.00
C LYS A 86 20.00 -16.92 -11.94
N PHE A 87 19.34 -15.80 -12.28
CA PHE A 87 18.26 -15.80 -13.25
C PHE A 87 18.74 -14.95 -14.43
N VAL A 88 19.32 -15.60 -15.42
CA VAL A 88 19.89 -14.95 -16.58
C VAL A 88 18.84 -14.87 -17.69
N ASN A 89 18.42 -13.67 -18.01
CA ASN A 89 17.43 -13.44 -19.04
C ASN A 89 16.14 -14.19 -18.75
N SER A 90 15.71 -14.18 -17.48
CA SER A 90 14.49 -14.85 -17.07
C SER A 90 13.32 -13.84 -16.98
N ARG A 91 12.13 -14.37 -16.76
CA ARG A 91 10.93 -13.61 -16.51
C ARG A 91 10.23 -14.23 -15.30
N LEU A 92 10.10 -13.45 -14.22
CA LEU A 92 9.22 -13.83 -13.13
C LEU A 92 7.91 -13.05 -13.21
N ILE A 93 6.82 -13.76 -12.94
CA ILE A 93 5.50 -13.14 -12.91
C ILE A 93 4.84 -13.54 -11.62
N ASN A 94 4.55 -12.52 -10.78
CA ASN A 94 3.81 -12.68 -9.50
C ASN A 94 4.57 -13.66 -8.61
N SER A 95 5.91 -13.57 -8.63
CA SER A 95 6.77 -14.45 -7.86
C SER A 95 7.14 -13.74 -6.56
N THR A 96 7.51 -14.55 -5.58
CA THR A 96 7.74 -14.08 -4.22
C THR A 96 9.01 -14.71 -3.71
N PHE A 97 9.90 -13.90 -3.18
CA PHE A 97 11.09 -14.37 -2.51
C PHE A 97 10.96 -14.05 -1.02
N LEU A 98 11.09 -15.05 -0.19
CA LEU A 98 10.92 -14.89 1.25
C LEU A 98 12.06 -15.61 1.97
N HIS A 99 12.59 -14.97 3.01
CA HIS A 99 13.60 -15.54 3.87
C HIS A 99 14.83 -15.93 3.08
N ASN A 100 15.30 -15.04 2.24
CA ASN A 100 16.47 -15.31 1.42
C ASN A 100 17.64 -15.65 2.31
N LYS A 101 18.44 -16.64 1.88
CA LYS A 101 19.65 -17.02 2.59
C LYS A 101 20.68 -15.93 2.45
N GLU A 102 21.61 -15.93 3.42
CA GLU A 102 22.73 -15.00 3.35
C GLU A 102 23.75 -15.50 2.32
N GLY A 103 24.39 -14.57 1.64
CA GLY A 103 25.40 -14.99 0.70
C GLY A 103 25.95 -13.84 -0.12
N CYS A 104 26.91 -14.19 -0.96
CA CYS A 104 27.58 -13.22 -1.79
C CYS A 104 26.63 -12.76 -2.89
N PRO A 105 26.81 -11.50 -3.38
CA PRO A 105 25.98 -11.02 -4.47
C PRO A 105 26.52 -11.38 -5.85
N LEU A 106 27.65 -12.11 -5.90
CA LEU A 106 28.23 -12.56 -7.16
C LEU A 106 28.61 -14.04 -7.04
N ASP A 107 28.68 -14.69 -8.19
CA ASP A 107 28.99 -16.11 -8.24
C ASP A 107 30.46 -16.34 -7.89
N VAL A 108 30.70 -17.00 -6.75
CA VAL A 108 32.05 -17.15 -6.24
C VAL A 108 32.56 -18.59 -6.24
N THR A 109 31.73 -19.55 -6.69
CA THR A 109 32.10 -20.95 -6.76
C THR A 109 32.19 -21.56 -5.35
N GLY A 110 31.80 -22.84 -5.24
CA GLY A 110 31.73 -23.49 -3.93
C GLY A 110 32.67 -24.68 -3.83
N THR A 111 33.88 -24.57 -4.40
CA THR A 111 34.80 -25.71 -4.46
C THR A 111 35.14 -26.19 -3.04
N THR B 6 -18.00 28.53 -1.75
CA THR B 6 -16.91 28.51 -2.77
C THR B 6 -16.96 27.22 -3.58
N SER B 7 -17.66 26.20 -3.06
CA SER B 7 -17.76 24.91 -3.70
C SER B 7 -19.06 24.85 -4.50
N ILE B 8 -18.96 24.39 -5.75
CA ILE B 8 -20.10 24.31 -6.64
C ILE B 8 -20.64 22.90 -6.72
N LEU B 9 -19.74 21.92 -6.74
CA LEU B 9 -20.14 20.52 -6.74
C LEU B 9 -19.36 19.80 -5.66
N SER B 10 -20.06 18.99 -4.87
CA SER B 10 -19.44 18.22 -3.82
C SER B 10 -20.27 16.96 -3.58
N ILE B 11 -19.83 15.83 -4.14
CA ILE B 11 -20.54 14.59 -3.98
C ILE B 11 -20.18 14.01 -2.62
N VAL B 12 -21.22 13.81 -1.79
CA VAL B 12 -21.06 13.17 -0.49
C VAL B 12 -22.14 12.10 -0.38
N TYR B 13 -21.99 11.25 0.63
CA TYR B 13 -22.96 10.20 0.85
C TYR B 13 -24.09 10.67 1.77
N LYS B 14 -25.24 10.03 1.62
CA LYS B 14 -26.39 10.28 2.48
C LYS B 14 -27.17 8.97 2.60
N LYS B 15 -28.45 9.05 2.96
CA LYS B 15 -29.22 7.84 3.27
C LYS B 15 -29.46 7.03 2.00
N ASP B 16 -28.57 6.06 1.75
CA ASP B 16 -28.68 5.14 0.63
C ASP B 16 -28.73 5.88 -0.72
N ASP B 17 -27.95 6.95 -0.84
CA ASP B 17 -27.86 7.70 -2.07
C ASP B 17 -26.64 8.61 -2.01
N LEU B 18 -26.33 9.25 -3.16
CA LEU B 18 -25.30 10.26 -3.24
C LEU B 18 -25.94 11.61 -3.57
N ILE B 19 -25.52 12.64 -2.83
CA ILE B 19 -26.12 13.96 -2.95
C ILE B 19 -25.01 14.98 -3.17
N ASP B 20 -25.42 16.22 -3.46
CA ASP B 20 -24.51 17.34 -3.62
C ASP B 20 -24.78 18.34 -2.50
N LEU B 21 -23.74 18.66 -1.73
CA LEU B 21 -23.91 19.53 -0.59
C LEU B 21 -24.13 20.97 -1.02
N SER B 22 -23.58 21.36 -2.17
CA SER B 22 -23.68 22.74 -2.64
C SER B 22 -25.14 23.08 -2.92
N ARG B 23 -25.43 24.38 -2.93
CA ARG B 23 -26.77 24.88 -3.13
C ARG B 23 -27.15 24.91 -4.61
N TYR B 24 -26.83 23.83 -5.35
CA TYR B 24 -27.19 23.72 -6.75
C TYR B 24 -27.96 22.43 -7.08
N GLY B 25 -27.93 21.43 -6.20
CA GLY B 25 -28.77 20.25 -6.34
C GLY B 25 -28.50 19.48 -7.63
N ALA B 26 -27.22 19.19 -7.87
CA ALA B 26 -26.84 18.44 -9.06
C ALA B 26 -27.48 17.04 -9.04
N LYS B 27 -28.15 16.71 -10.14
CA LYS B 27 -28.74 15.39 -10.28
C LYS B 27 -27.63 14.36 -10.48
N ILE B 28 -27.71 13.27 -9.72
CA ILE B 28 -26.71 12.21 -9.80
C ILE B 28 -27.39 10.92 -10.20
N ASN B 29 -26.86 10.29 -11.25
CA ASN B 29 -27.39 9.03 -11.75
C ASN B 29 -26.32 7.94 -11.61
N ILE B 30 -26.70 6.87 -10.91
CA ILE B 30 -25.76 5.85 -10.48
C ILE B 30 -26.16 4.51 -11.10
N GLY B 31 -25.17 3.84 -11.67
CA GLY B 31 -25.38 2.55 -12.29
C GLY B 31 -25.73 1.49 -11.25
N ASP B 32 -26.14 0.33 -11.78
CA ASP B 32 -26.58 -0.79 -10.95
C ASP B 32 -25.41 -1.64 -10.47
N ARG B 33 -24.18 -1.29 -10.88
CA ARG B 33 -23.00 -2.05 -10.47
C ARG B 33 -21.96 -1.17 -9.79
N VAL B 34 -22.35 0.01 -9.30
CA VAL B 34 -21.50 0.82 -8.47
C VAL B 34 -21.57 0.30 -7.03
N TYR B 35 -20.40 0.05 -6.43
CA TYR B 35 -20.32 -0.53 -5.11
C TYR B 35 -19.95 0.51 -4.06
N TYR B 36 -20.02 0.10 -2.79
CA TYR B 36 -19.64 0.94 -1.67
C TYR B 36 -18.94 0.07 -0.63
N ASP B 37 -18.11 0.70 0.20
CA ASP B 37 -17.45 -0.01 1.29
C ASP B 37 -18.47 -0.33 2.37
N SER B 38 -18.09 -1.20 3.31
CA SER B 38 -18.93 -1.45 4.47
C SER B 38 -18.75 -0.36 5.53
N ILE B 39 -17.49 0.01 5.80
CA ILE B 39 -17.18 0.81 6.98
C ILE B 39 -17.19 2.29 6.63
N ASP B 40 -16.54 2.66 5.53
CA ASP B 40 -16.59 4.05 5.06
C ASP B 40 -17.39 4.09 3.77
N LYS B 41 -18.71 3.97 3.87
CA LYS B 41 -19.60 3.91 2.72
C LYS B 41 -19.51 5.21 1.90
N ASN B 42 -18.80 6.20 2.43
CA ASN B 42 -18.60 7.44 1.69
C ASN B 42 -17.47 7.26 0.68
N GLN B 43 -16.87 6.08 0.60
CA GLN B 43 -15.95 5.84 -0.49
C GLN B 43 -16.57 4.92 -1.52
N ILE B 44 -16.38 5.25 -2.79
CA ILE B 44 -17.11 4.67 -3.91
C ILE B 44 -16.16 3.84 -4.77
N LYS B 45 -16.64 2.71 -5.27
CA LYS B 45 -15.86 1.81 -6.08
C LYS B 45 -16.45 1.73 -7.49
N LEU B 46 -15.57 1.87 -8.49
CA LEU B 46 -15.95 1.73 -9.88
C LEU B 46 -15.10 0.62 -10.52
N ILE B 47 -15.75 -0.36 -11.15
CA ILE B 47 -15.06 -1.46 -11.80
C ILE B 47 -15.14 -1.31 -13.33
N ASN B 48 -14.47 -2.22 -14.02
CA ASN B 48 -14.32 -2.11 -15.46
C ASN B 48 -15.47 -2.78 -16.21
N LEU B 49 -16.67 -2.22 -16.07
CA LEU B 49 -17.82 -2.63 -16.84
C LEU B 49 -18.62 -1.39 -17.22
N GLU B 50 -19.57 -1.57 -18.14
CA GLU B 50 -20.35 -0.45 -18.66
C GLU B 50 -21.40 0.01 -17.66
N SER B 51 -21.88 -0.90 -16.81
CA SER B 51 -22.91 -0.59 -15.83
C SER B 51 -22.34 0.13 -14.60
N SER B 52 -21.01 0.13 -14.42
CA SER B 52 -20.37 0.80 -13.29
C SER B 52 -20.23 2.28 -13.59
N THR B 53 -21.30 3.02 -13.35
CA THR B 53 -21.48 4.36 -13.87
C THR B 53 -21.94 5.29 -12.75
N ILE B 54 -21.31 6.47 -12.68
CA ILE B 54 -21.83 7.55 -11.85
C ILE B 54 -21.96 8.76 -12.76
N GLU B 55 -23.17 9.27 -12.90
CA GLU B 55 -23.48 10.35 -13.82
C GLU B 55 -24.04 11.52 -13.02
N VAL B 56 -23.30 12.64 -13.02
CA VAL B 56 -23.71 13.83 -12.29
C VAL B 56 -23.91 14.96 -13.27
N ILE B 57 -25.03 15.67 -13.13
CA ILE B 57 -25.42 16.71 -14.07
C ILE B 57 -25.52 18.03 -13.32
N LEU B 58 -24.87 19.06 -13.86
CA LEU B 58 -24.85 20.37 -13.22
C LEU B 58 -26.04 21.19 -13.72
N LYS B 59 -26.02 22.50 -13.43
CA LYS B 59 -26.97 23.42 -14.02
C LYS B 59 -26.29 24.28 -15.08
N ASN B 60 -27.11 24.96 -15.88
CA ASN B 60 -26.62 25.85 -16.92
C ASN B 60 -25.93 27.08 -16.34
N ALA B 61 -26.23 27.42 -15.09
CA ALA B 61 -25.69 28.62 -14.45
C ALA B 61 -24.24 28.43 -14.00
N ILE B 62 -23.70 27.20 -14.06
CA ILE B 62 -22.37 26.90 -13.56
C ILE B 62 -21.55 26.16 -14.61
N VAL B 63 -21.96 26.24 -15.87
CA VAL B 63 -21.24 25.57 -16.94
C VAL B 63 -19.99 26.39 -17.27
N TYR B 64 -18.85 25.71 -17.37
CA TYR B 64 -17.60 26.39 -17.63
C TYR B 64 -17.52 26.73 -19.12
N ASN B 65 -17.77 28.01 -19.45
CA ASN B 65 -17.73 28.46 -20.83
C ASN B 65 -17.14 29.86 -20.98
N SER B 66 -16.34 30.31 -20.00
CA SER B 66 -15.84 31.68 -19.99
C SER B 66 -14.42 31.73 -20.56
N MET B 67 -13.88 32.96 -20.65
CA MET B 67 -12.56 33.18 -21.23
C MET B 67 -11.47 33.00 -20.16
N TYR B 68 -11.65 33.64 -19.00
CA TYR B 68 -10.61 33.68 -17.98
C TYR B 68 -11.08 33.16 -16.63
N GLU B 69 -12.14 32.35 -16.60
CA GLU B 69 -12.67 31.83 -15.35
C GLU B 69 -11.71 30.80 -14.77
N ASN B 70 -11.36 30.98 -13.49
CA ASN B 70 -10.51 30.02 -12.79
C ASN B 70 -11.38 28.95 -12.16
N PHE B 71 -10.82 27.74 -12.05
CA PHE B 71 -11.55 26.65 -11.45
C PHE B 71 -10.56 25.63 -10.89
N SER B 72 -11.06 24.79 -9.98
CA SER B 72 -10.24 23.81 -9.32
C SER B 72 -11.10 22.59 -8.96
N THR B 73 -10.44 21.44 -8.76
CA THR B 73 -11.11 20.24 -8.34
C THR B 73 -10.22 19.51 -7.34
N SER B 74 -10.85 18.65 -6.53
CA SER B 74 -10.12 17.88 -5.55
C SER B 74 -10.92 16.61 -5.24
N PHE B 75 -10.18 15.52 -4.98
CA PHE B 75 -10.77 14.23 -4.71
C PHE B 75 -9.70 13.30 -4.14
N TRP B 76 -10.15 12.19 -3.57
CA TRP B 76 -9.26 11.18 -3.06
C TRP B 76 -9.39 9.93 -3.90
N ILE B 77 -8.26 9.30 -4.24
CA ILE B 77 -8.29 8.16 -5.14
C ILE B 77 -7.38 7.05 -4.58
N LYS B 78 -7.83 5.81 -4.75
CA LYS B 78 -7.08 4.66 -4.36
C LYS B 78 -6.96 3.72 -5.54
N ILE B 79 -5.73 3.55 -6.05
CA ILE B 79 -5.50 2.87 -7.32
C ILE B 79 -4.80 1.56 -7.03
N PRO B 80 -5.36 0.41 -7.38
CA PRO B 80 -4.68 -0.87 -7.12
C PRO B 80 -3.38 -1.01 -7.87
N LYS B 81 -2.65 -2.07 -7.52
CA LYS B 81 -1.34 -2.32 -8.11
C LYS B 81 -1.56 -2.87 -9.52
N TYR B 82 -0.72 -2.44 -10.46
CA TYR B 82 -0.74 -2.97 -11.81
C TYR B 82 0.08 -4.25 -11.85
N PHE B 83 -0.55 -5.35 -12.26
CA PHE B 83 0.04 -6.67 -12.00
C PHE B 83 0.79 -7.27 -13.20
N SER B 84 0.37 -6.93 -14.42
CA SER B 84 0.92 -7.55 -15.63
C SER B 84 1.23 -6.49 -16.67
N LYS B 85 1.75 -6.91 -17.81
CA LYS B 85 2.14 -6.00 -18.89
C LYS B 85 0.98 -5.68 -19.81
N ILE B 86 -0.23 -6.19 -19.50
CA ILE B 86 -1.42 -5.68 -20.18
C ILE B 86 -1.76 -4.24 -19.76
N ASN B 87 -1.19 -3.78 -18.65
CA ASN B 87 -1.50 -2.48 -18.10
C ASN B 87 -0.61 -1.36 -18.64
N LEU B 88 0.42 -1.73 -19.40
CA LEU B 88 1.38 -0.70 -19.87
C LEU B 88 0.81 -0.01 -21.10
N ASN B 89 1.10 1.29 -21.21
CA ASN B 89 0.73 2.08 -22.38
C ASN B 89 -0.76 2.02 -22.65
N ASN B 90 -1.56 2.17 -21.58
CA ASN B 90 -3.00 1.98 -21.65
C ASN B 90 -3.72 3.13 -20.92
N GLU B 91 -3.46 4.39 -21.31
CA GLU B 91 -4.13 5.48 -20.64
C GLU B 91 -5.65 5.33 -20.75
N TYR B 92 -6.31 5.25 -19.56
CA TYR B 92 -7.76 5.17 -19.49
C TYR B 92 -8.32 6.30 -18.66
N THR B 93 -9.48 6.81 -19.07
CA THR B 93 -10.13 7.93 -18.41
C THR B 93 -10.96 7.41 -17.25
N ILE B 94 -10.95 8.14 -16.13
CA ILE B 94 -11.72 7.75 -14.95
C ILE B 94 -12.73 8.83 -14.60
N ILE B 95 -12.42 10.09 -14.90
CA ILE B 95 -13.36 11.17 -14.73
C ILE B 95 -13.38 11.98 -16.03
N ASN B 96 -14.56 12.18 -16.60
CA ASN B 96 -14.69 12.78 -17.91
C ASN B 96 -15.62 13.99 -17.84
N CYS B 97 -15.18 15.11 -18.44
CA CYS B 97 -16.04 16.27 -18.58
C CYS B 97 -15.87 16.93 -19.95
N ILE B 98 -15.89 16.13 -21.03
CA ILE B 98 -15.63 16.63 -22.37
C ILE B 98 -16.88 16.48 -23.22
N GLU B 99 -17.28 17.58 -23.86
CA GLU B 99 -18.29 17.55 -24.92
C GLU B 99 -17.74 18.28 -26.13
N ASN B 100 -17.85 17.63 -27.30
CA ASN B 100 -17.41 18.21 -28.55
C ASN B 100 -15.91 18.51 -28.49
N ASN B 101 -15.16 17.54 -27.96
CA ASN B 101 -13.70 17.59 -27.93
C ASN B 101 -13.19 18.85 -27.22
N SER B 102 -13.86 19.23 -26.14
CA SER B 102 -13.44 20.36 -25.32
C SER B 102 -13.90 20.12 -23.89
N GLY B 103 -13.01 20.38 -22.93
CA GLY B 103 -13.34 20.19 -21.53
C GLY B 103 -12.12 19.77 -20.73
N TRP B 104 -12.36 19.14 -19.60
CA TRP B 104 -11.32 18.62 -18.75
C TRP B 104 -11.57 17.15 -18.46
N LYS B 105 -10.51 16.40 -18.24
CA LYS B 105 -10.66 14.99 -17.97
C LYS B 105 -9.51 14.57 -17.02
N VAL B 106 -9.76 13.51 -16.24
CA VAL B 106 -8.75 12.90 -15.43
C VAL B 106 -8.61 11.48 -15.88
N SER B 107 -7.36 11.07 -16.15
CA SER B 107 -7.08 9.74 -16.69
C SER B 107 -5.92 9.11 -15.92
N LEU B 108 -5.77 7.81 -16.02
CA LEU B 108 -4.74 7.07 -15.34
C LEU B 108 -4.03 6.20 -16.38
N ASN B 109 -2.72 6.06 -16.22
CA ASN B 109 -1.92 5.15 -16.98
C ASN B 109 -1.07 4.36 -15.99
N TYR B 110 -0.10 3.60 -16.50
CA TYR B 110 0.69 2.77 -15.62
C TYR B 110 1.55 3.67 -14.78
N GLY B 111 1.23 3.71 -13.45
CA GLY B 111 1.95 4.56 -12.53
C GLY B 111 1.83 6.08 -12.82
N GLU B 112 0.72 6.57 -13.29
CA GLU B 112 0.52 7.96 -13.55
C GLU B 112 -0.93 8.39 -13.20
N ILE B 113 -1.08 9.68 -12.90
CA ILE B 113 -2.34 10.30 -12.79
C ILE B 113 -2.25 11.55 -13.64
N ILE B 114 -3.18 11.67 -14.60
CA ILE B 114 -3.06 12.69 -15.63
C ILE B 114 -4.21 13.66 -15.50
N TRP B 115 -3.90 14.96 -15.55
CA TRP B 115 -4.90 15.99 -15.75
C TRP B 115 -4.76 16.56 -17.15
N THR B 116 -5.88 16.67 -17.87
CA THR B 116 -5.87 17.10 -19.25
C THR B 116 -6.87 18.24 -19.45
N LEU B 117 -6.50 19.23 -20.26
CA LEU B 117 -7.39 20.28 -20.67
C LEU B 117 -7.46 20.35 -22.21
N GLN B 118 -8.61 20.74 -22.75
CA GLN B 118 -8.79 20.89 -24.18
C GLN B 118 -9.60 22.15 -24.46
N ASP B 119 -9.17 22.94 -25.43
CA ASP B 119 -9.97 24.05 -25.90
C ASP B 119 -10.77 23.65 -27.14
N ASN B 120 -11.52 24.61 -27.69
CA ASN B 120 -12.26 24.35 -28.92
C ASN B 120 -11.33 24.28 -30.14
N LYS B 121 -10.09 24.75 -30.00
CA LYS B 121 -9.08 24.58 -31.03
C LYS B 121 -8.26 23.30 -30.84
N GLN B 122 -8.72 22.39 -29.97
CA GLN B 122 -8.12 21.08 -29.78
C GLN B 122 -6.68 21.16 -29.28
N ASN B 123 -6.35 22.17 -28.49
CA ASN B 123 -5.05 22.26 -27.86
C ASN B 123 -5.04 21.42 -26.59
N ILE B 124 -3.98 20.65 -26.39
CA ILE B 124 -3.87 19.72 -25.29
C ILE B 124 -2.81 20.25 -24.34
N GLN B 125 -3.19 20.39 -23.05
CA GLN B 125 -2.22 20.64 -22.00
C GLN B 125 -2.44 19.64 -20.87
N ARG B 126 -1.42 18.91 -20.50
CA ARG B 126 -1.51 17.79 -19.62
C ARG B 126 -0.50 17.98 -18.49
N VAL B 127 -0.91 17.60 -17.29
CA VAL B 127 -0.10 17.70 -16.09
C VAL B 127 -0.15 16.34 -15.41
N VAL B 128 1.01 15.79 -15.15
CA VAL B 128 1.11 14.38 -14.81
C VAL B 128 1.82 14.25 -13.49
N PHE B 129 1.30 13.35 -12.66
CA PHE B 129 1.97 12.92 -11.46
C PHE B 129 2.41 11.49 -11.69
N LYS B 130 3.71 11.25 -11.55
CA LYS B 130 4.27 9.95 -11.81
C LYS B 130 4.74 9.34 -10.51
N TYR B 131 4.32 8.11 -10.23
CA TYR B 131 4.84 7.36 -9.11
C TYR B 131 5.41 6.07 -9.59
N SER B 132 6.62 5.77 -9.13
CA SER B 132 7.28 4.52 -9.49
C SER B 132 6.62 3.38 -8.77
N GLN B 133 6.85 2.20 -9.32
CA GLN B 133 6.28 0.96 -8.80
C GLN B 133 7.36 -0.06 -8.65
N MET B 134 8.66 0.37 -8.80
CA MET B 134 9.78 -0.49 -8.41
C MET B 134 10.29 -0.18 -7.00
N VAL B 135 9.64 0.73 -6.28
CA VAL B 135 10.07 1.12 -4.94
C VAL B 135 9.81 0.01 -3.93
N ASN B 136 10.60 -0.03 -2.87
CA ASN B 136 10.46 -1.04 -1.83
C ASN B 136 9.13 -0.84 -1.09
N ILE B 137 8.89 0.40 -0.63
CA ILE B 137 7.63 0.72 0.01
C ILE B 137 7.08 1.98 -0.57
N SER B 138 5.88 1.93 -1.14
CA SER B 138 5.33 3.06 -1.85
C SER B 138 4.32 3.82 -0.97
N ASP B 139 4.21 5.12 -1.19
CA ASP B 139 3.17 5.89 -0.57
C ASP B 139 1.96 6.04 -1.47
N TYR B 140 1.97 5.41 -2.66
CA TYR B 140 0.90 5.67 -3.62
C TYR B 140 0.25 4.41 -4.19
N ILE B 141 0.91 3.26 -4.16
CA ILE B 141 0.31 2.07 -4.73
C ILE B 141 -0.72 1.53 -3.75
N ASN B 142 -1.99 1.47 -4.21
CA ASN B 142 -3.12 0.94 -3.44
C ASN B 142 -3.34 1.71 -2.13
N ARG B 143 -3.00 3.00 -2.10
CA ARG B 143 -3.19 3.79 -0.89
C ARG B 143 -3.91 5.07 -1.27
N TRP B 144 -4.66 5.62 -0.34
CA TRP B 144 -5.44 6.77 -0.67
C TRP B 144 -4.54 7.98 -0.95
N ILE B 145 -4.87 8.72 -2.00
CA ILE B 145 -4.11 9.87 -2.46
C ILE B 145 -5.05 11.05 -2.55
N PHE B 146 -4.68 12.17 -1.93
CA PHE B 146 -5.47 13.37 -2.04
C PHE B 146 -4.98 14.14 -3.24
N VAL B 147 -5.77 14.15 -4.31
CA VAL B 147 -5.38 14.83 -5.53
C VAL B 147 -6.24 16.09 -5.61
N THR B 148 -5.54 17.23 -5.84
CA THR B 148 -6.23 18.46 -6.14
C THR B 148 -5.51 19.18 -7.28
N ILE B 149 -6.27 19.73 -8.20
CA ILE B 149 -5.78 20.42 -9.38
C ILE B 149 -6.33 21.84 -9.38
N THR B 150 -5.44 22.83 -9.55
CA THR B 150 -5.82 24.21 -9.65
C THR B 150 -5.43 24.72 -11.03
N ASN B 151 -6.35 25.47 -11.64
CA ASN B 151 -6.16 25.99 -12.98
C ASN B 151 -6.27 27.51 -12.92
N ASN B 152 -5.17 28.17 -13.28
CA ASN B 152 -5.16 29.61 -13.44
C ASN B 152 -5.06 29.91 -14.93
N ARG B 153 -6.15 30.45 -15.50
CA ARG B 153 -6.22 30.71 -16.93
C ARG B 153 -5.21 31.77 -17.36
N LEU B 154 -4.68 32.55 -16.42
CA LEU B 154 -3.74 33.62 -16.77
C LEU B 154 -2.29 33.15 -16.67
N THR B 155 -1.95 32.26 -15.72
CA THR B 155 -0.57 31.89 -15.49
C THR B 155 -0.30 30.44 -15.87
N LYS B 156 -0.86 29.47 -15.14
CA LYS B 156 -0.50 28.08 -15.37
C LYS B 156 -1.32 27.15 -14.49
N SER B 157 -1.20 25.85 -14.78
CA SER B 157 -2.00 24.79 -14.21
C SER B 157 -1.13 23.84 -13.39
N LYS B 158 -1.66 23.36 -12.26
CA LYS B 158 -0.84 22.77 -11.22
C LYS B 158 -1.56 21.57 -10.68
N ILE B 159 -0.76 20.53 -10.31
CA ILE B 159 -1.32 19.34 -9.70
C ILE B 159 -0.66 19.16 -8.35
N TYR B 160 -1.46 18.81 -7.32
CA TYR B 160 -1.04 18.75 -5.94
C TYR B 160 -1.37 17.37 -5.42
N ILE B 161 -0.37 16.65 -4.93
CA ILE B 161 -0.56 15.35 -4.35
C ILE B 161 -0.31 15.41 -2.87
N ASN B 162 -1.34 15.15 -2.07
CA ASN B 162 -1.28 15.16 -0.60
C ASN B 162 -0.85 16.55 -0.09
N GLY B 163 -1.31 17.59 -0.78
CA GLY B 163 -1.09 18.95 -0.33
C GLY B 163 0.16 19.59 -0.91
N ARG B 164 1.05 18.82 -1.58
CA ARG B 164 2.30 19.38 -2.09
C ARG B 164 2.27 19.47 -3.61
N LEU B 165 2.97 20.45 -4.18
CA LEU B 165 2.95 20.67 -5.62
C LEU B 165 3.89 19.66 -6.28
N ILE B 166 3.39 18.97 -7.31
CA ILE B 166 4.13 17.90 -7.96
C ILE B 166 4.52 18.26 -9.39
N ASP B 167 3.67 18.98 -10.10
CA ASP B 167 3.96 19.33 -11.47
C ASP B 167 3.15 20.55 -11.82
N GLN B 168 3.61 21.29 -12.81
CA GLN B 168 2.88 22.47 -13.28
C GLN B 168 3.32 22.75 -14.71
N LYS B 169 2.38 23.22 -15.53
CA LYS B 169 2.64 23.50 -16.93
C LYS B 169 1.83 24.73 -17.34
N PRO B 170 2.46 25.66 -18.08
CA PRO B 170 1.75 26.89 -18.47
C PRO B 170 0.61 26.60 -19.44
N ILE B 171 -0.50 27.30 -19.22
CA ILE B 171 -1.69 27.10 -20.02
C ILE B 171 -2.15 28.44 -20.61
N SER B 172 -1.24 29.41 -20.67
CA SER B 172 -1.57 30.73 -21.18
C SER B 172 -2.03 30.68 -22.64
N ASN B 173 -1.54 29.70 -23.40
CA ASN B 173 -1.86 29.61 -24.82
C ASN B 173 -3.30 29.17 -25.05
N LEU B 174 -3.88 28.39 -24.11
CA LEU B 174 -5.25 27.95 -24.24
C LEU B 174 -6.20 29.14 -24.14
N GLY B 175 -7.16 29.19 -25.05
CA GLY B 175 -7.97 30.39 -25.24
C GLY B 175 -9.38 30.29 -24.66
N ASN B 176 -10.06 29.18 -24.94
CA ASN B 176 -11.46 29.04 -24.53
C ASN B 176 -11.79 27.57 -24.33
N ILE B 177 -12.20 27.22 -23.10
CA ILE B 177 -12.63 25.87 -22.76
C ILE B 177 -14.12 25.89 -22.54
N HIS B 178 -14.83 24.96 -23.20
CA HIS B 178 -16.27 24.78 -23.02
C HIS B 178 -16.51 23.35 -22.58
N ALA B 179 -16.51 23.13 -21.26
CA ALA B 179 -16.67 21.80 -20.71
C ALA B 179 -18.13 21.37 -20.83
N SER B 180 -18.35 20.07 -20.64
CA SER B 180 -19.67 19.48 -20.76
C SER B 180 -20.56 19.88 -19.58
N ASN B 181 -21.87 19.79 -19.79
CA ASN B 181 -22.83 19.94 -18.72
C ASN B 181 -22.82 18.72 -17.78
N LYS B 182 -22.24 17.62 -18.24
CA LYS B 182 -22.34 16.34 -17.54
C LYS B 182 -20.93 15.82 -17.23
N ILE B 183 -20.79 15.24 -16.04
CA ILE B 183 -19.51 14.73 -15.57
C ILE B 183 -19.65 13.22 -15.38
N MET B 184 -18.68 12.48 -15.89
CA MET B 184 -18.80 11.03 -16.02
C MET B 184 -17.70 10.38 -15.19
N PHE B 185 -18.09 9.52 -14.25
CA PHE B 185 -17.16 8.76 -13.46
C PHE B 185 -17.21 7.31 -13.90
N LYS B 186 -16.27 6.91 -14.76
CA LYS B 186 -16.29 5.57 -15.32
C LYS B 186 -14.97 5.34 -16.04
N LEU B 187 -14.46 4.10 -15.89
CA LEU B 187 -13.28 3.67 -16.60
C LEU B 187 -13.58 3.62 -18.11
N ASP B 188 -12.81 4.34 -18.92
CA ASP B 188 -13.01 4.38 -20.37
C ASP B 188 -11.69 4.01 -21.06
N GLY B 189 -11.72 2.92 -21.82
CA GLY B 189 -10.57 2.55 -22.61
C GLY B 189 -9.58 1.67 -21.88
N CYS B 190 -10.01 0.93 -20.85
CA CYS B 190 -9.09 0.10 -20.10
C CYS B 190 -9.17 -1.33 -20.62
N ARG B 191 -8.04 -1.86 -21.11
CA ARG B 191 -8.00 -3.19 -21.71
C ARG B 191 -7.97 -4.30 -20.66
N ASP B 192 -7.66 -3.98 -19.41
CA ASP B 192 -7.66 -4.96 -18.34
C ASP B 192 -9.08 -5.15 -17.83
N PRO B 193 -9.65 -6.37 -17.92
CA PRO B 193 -11.02 -6.60 -17.46
C PRO B 193 -11.16 -6.73 -15.93
N ARG B 194 -10.03 -6.84 -15.20
CA ARG B 194 -10.04 -7.00 -13.76
C ARG B 194 -9.50 -5.74 -13.06
N ARG B 195 -9.84 -4.56 -13.57
CA ARG B 195 -9.27 -3.30 -13.12
C ARG B 195 -10.39 -2.45 -12.56
N TYR B 196 -10.10 -1.71 -11.47
CA TYR B 196 -11.07 -0.85 -10.80
C TYR B 196 -10.34 0.31 -10.13
N ILE B 197 -11.11 1.32 -9.69
CA ILE B 197 -10.60 2.37 -8.83
C ILE B 197 -11.59 2.61 -7.68
N MET B 198 -11.14 3.36 -6.67
CA MET B 198 -11.98 3.88 -5.61
C MET B 198 -11.75 5.38 -5.47
N ILE B 199 -12.86 6.12 -5.33
CA ILE B 199 -12.78 7.56 -5.19
C ILE B 199 -13.64 7.95 -4.01
N LYS B 200 -13.37 9.16 -3.47
CA LYS B 200 -14.21 9.72 -2.43
C LYS B 200 -13.98 11.21 -2.32
N TYR B 201 -15.02 11.91 -1.87
CA TYR B 201 -14.96 13.34 -1.61
C TYR B 201 -14.55 14.11 -2.84
N PHE B 202 -15.38 14.09 -3.88
CA PHE B 202 -15.15 14.88 -5.07
C PHE B 202 -15.73 16.29 -4.93
N ASN B 203 -14.87 17.30 -5.03
CA ASN B 203 -15.30 18.68 -4.87
C ASN B 203 -14.85 19.51 -6.07
N LEU B 204 -15.62 20.54 -6.38
CA LEU B 204 -15.28 21.49 -7.43
C LEU B 204 -15.37 22.92 -6.88
N PHE B 205 -14.43 23.76 -7.32
CA PHE B 205 -14.36 25.14 -6.88
C PHE B 205 -14.21 26.05 -8.09
N ASP B 206 -14.66 27.31 -7.94
CA ASP B 206 -14.62 28.27 -9.04
C ASP B 206 -13.49 29.28 -8.85
N LYS B 207 -12.43 28.86 -8.15
CA LYS B 207 -11.25 29.69 -8.04
C LYS B 207 -10.05 28.78 -7.89
N GLU B 208 -8.88 29.30 -8.28
CA GLU B 208 -7.63 28.61 -8.05
C GLU B 208 -7.29 28.67 -6.57
N LEU B 209 -7.22 27.50 -5.93
CA LEU B 209 -6.88 27.45 -4.52
C LEU B 209 -5.37 27.59 -4.33
N ASN B 210 -4.98 28.36 -3.30
CA ASN B 210 -3.60 28.49 -2.91
C ASN B 210 -3.21 27.33 -1.99
N GLU B 211 -1.91 27.27 -1.64
CA GLU B 211 -1.42 26.16 -0.84
C GLU B 211 -2.07 26.13 0.54
N LYS B 212 -2.42 27.30 1.07
CA LYS B 212 -3.05 27.39 2.38
C LYS B 212 -4.42 26.71 2.34
N GLU B 213 -5.26 27.10 1.36
CA GLU B 213 -6.60 26.53 1.25
C GLU B 213 -6.53 25.03 0.97
N ILE B 214 -5.55 24.61 0.16
CA ILE B 214 -5.44 23.20 -0.19
C ILE B 214 -5.02 22.37 1.02
N LYS B 215 -4.09 22.89 1.83
CA LYS B 215 -3.70 22.18 3.04
C LYS B 215 -4.84 22.15 4.04
N ASP B 216 -5.61 23.25 4.12
CA ASP B 216 -6.78 23.26 4.98
C ASP B 216 -7.76 22.17 4.57
N LEU B 217 -8.01 22.06 3.27
CA LEU B 217 -8.93 21.05 2.76
C LEU B 217 -8.41 19.63 3.03
N TYR B 218 -7.11 19.42 2.84
CA TYR B 218 -6.48 18.14 3.08
C TYR B 218 -6.66 17.72 4.53
N ASP B 219 -6.45 18.67 5.44
CA ASP B 219 -6.55 18.36 6.86
C ASP B 219 -8.00 18.12 7.26
N SER B 220 -8.91 18.95 6.74
CA SER B 220 -10.33 18.83 7.06
C SER B 220 -10.89 17.50 6.60
N GLN B 221 -10.48 17.03 5.41
CA GLN B 221 -11.01 15.79 4.86
C GLN B 221 -10.24 14.56 5.34
N SER B 222 -9.18 14.75 6.14
CA SER B 222 -8.35 13.63 6.56
C SER B 222 -9.00 12.85 7.71
N ASN B 223 -9.97 13.44 8.41
CA ASN B 223 -10.56 12.85 9.61
C ASN B 223 -9.49 12.48 10.63
N SER B 224 -8.76 13.50 11.09
CA SER B 224 -7.61 13.34 11.95
C SER B 224 -7.95 12.66 13.29
N GLY B 225 -9.24 12.65 13.66
CA GLY B 225 -9.69 12.08 14.91
C GLY B 225 -9.75 10.56 14.92
N ILE B 226 -9.49 9.94 13.77
CA ILE B 226 -9.62 8.49 13.63
C ILE B 226 -8.32 7.96 13.05
N LEU B 227 -7.86 6.83 13.59
CA LEU B 227 -6.66 6.21 13.10
C LEU B 227 -6.90 5.69 11.70
N LYS B 228 -5.80 5.62 10.91
CA LYS B 228 -5.87 5.00 9.58
C LYS B 228 -4.84 3.89 9.50
N ASP B 229 -5.17 2.82 8.79
CA ASP B 229 -4.22 1.71 8.56
C ASP B 229 -3.25 2.04 7.40
N PHE B 230 -2.52 1.05 6.91
CA PHE B 230 -1.50 1.29 5.88
C PHE B 230 -2.12 1.79 4.58
N TRP B 231 -3.30 1.26 4.22
CA TRP B 231 -3.95 1.63 2.98
C TRP B 231 -4.72 2.94 3.10
N GLY B 232 -4.81 3.49 4.32
CA GLY B 232 -5.52 4.75 4.51
C GLY B 232 -6.97 4.58 4.90
N ASN B 233 -7.41 3.33 5.19
CA ASN B 233 -8.78 3.10 5.63
C ASN B 233 -8.87 3.19 7.15
N TYR B 234 -10.07 3.08 7.71
CA TYR B 234 -10.24 3.10 9.16
C TYR B 234 -9.57 1.91 9.81
N LEU B 235 -8.97 2.16 10.99
CA LEU B 235 -8.41 1.10 11.82
C LEU B 235 -9.53 0.50 12.67
N GLN B 236 -9.51 -0.83 12.77
CA GLN B 236 -10.64 -1.54 13.35
C GLN B 236 -10.17 -2.56 14.39
N TYR B 237 -10.99 -2.74 15.43
CA TYR B 237 -10.75 -3.76 16.43
C TYR B 237 -11.00 -5.14 15.83
N ASP B 238 -10.46 -6.16 16.49
CA ASP B 238 -10.69 -7.55 16.12
C ASP B 238 -10.33 -7.84 14.65
N LYS B 239 -9.21 -7.32 14.19
CA LYS B 239 -8.79 -7.52 12.81
C LYS B 239 -7.27 -7.65 12.78
N PRO B 240 -6.74 -8.72 12.18
CA PRO B 240 -5.28 -8.92 12.17
C PRO B 240 -4.57 -7.89 11.31
N TYR B 241 -3.43 -7.39 11.79
CA TYR B 241 -2.66 -6.37 11.11
C TYR B 241 -1.20 -6.74 11.14
N TYR B 242 -0.53 -6.72 10.00
CA TYR B 242 0.92 -6.83 10.01
C TYR B 242 1.51 -5.42 10.32
N MET B 243 2.67 -5.37 10.89
CA MET B 243 3.23 -4.17 11.50
C MET B 243 4.48 -3.73 10.73
N LEU B 244 4.52 -2.43 10.43
CA LEU B 244 5.64 -1.80 9.77
C LEU B 244 6.09 -0.61 10.60
N ASN B 245 7.42 -0.54 10.83
CA ASN B 245 8.01 0.57 11.56
C ASN B 245 8.59 1.53 10.55
N LEU B 246 8.17 2.80 10.64
CA LEU B 246 8.53 3.75 9.60
C LEU B 246 10.01 4.10 9.65
N PHE B 247 10.59 4.11 10.85
CA PHE B 247 12.00 4.41 11.00
C PHE B 247 12.89 3.30 10.46
N ASP B 248 12.49 2.04 10.58
CA ASP B 248 13.26 0.91 10.08
C ASP B 248 12.34 -0.02 9.28
N PRO B 249 12.00 0.34 8.04
CA PRO B 249 10.99 -0.40 7.27
C PRO B 249 11.51 -1.60 6.50
N ASN B 250 12.74 -2.09 6.75
CA ASN B 250 13.08 -3.39 6.16
C ASN B 250 12.93 -4.53 7.13
N LYS B 251 12.29 -4.29 8.27
CA LYS B 251 12.21 -5.36 9.27
C LYS B 251 10.75 -5.49 9.72
N TYR B 252 10.42 -6.68 10.17
CA TYR B 252 9.06 -6.96 10.59
C TYR B 252 9.06 -7.52 12.00
N VAL B 253 7.96 -7.27 12.72
CA VAL B 253 7.90 -7.69 14.10
C VAL B 253 7.89 -9.20 14.17
N ASP B 254 8.62 -9.75 15.12
CA ASP B 254 8.67 -11.18 15.36
C ASP B 254 8.77 -11.46 16.84
N VAL B 255 8.47 -12.69 17.25
CA VAL B 255 8.76 -13.14 18.61
C VAL B 255 9.66 -14.35 18.53
N ASN B 256 10.35 -14.64 19.63
CA ASN B 256 11.15 -15.86 19.69
C ASN B 256 10.62 -16.86 20.71
N ASN B 257 10.15 -16.35 21.87
CA ASN B 257 9.59 -17.20 22.90
C ASN B 257 8.24 -16.66 23.29
N ILE B 258 7.55 -17.31 24.22
CA ILE B 258 6.27 -16.82 24.69
C ILE B 258 6.29 -16.75 26.21
N GLY B 259 6.34 -15.54 26.74
CA GLY B 259 6.25 -15.40 28.18
C GLY B 259 6.93 -14.15 28.66
N ILE B 260 7.18 -14.11 29.98
CA ILE B 260 7.89 -13.01 30.61
C ILE B 260 9.35 -13.00 30.19
N ARG B 261 9.94 -14.21 30.03
CA ARG B 261 11.34 -14.33 29.62
C ARG B 261 11.52 -13.97 28.16
N GLY B 262 10.56 -14.35 27.32
CA GLY B 262 10.63 -14.08 25.90
C GLY B 262 10.43 -12.60 25.58
N TYR B 263 10.95 -12.20 24.42
CA TYR B 263 10.83 -10.87 23.92
C TYR B 263 10.39 -10.87 22.45
N MET B 264 9.90 -9.75 21.97
CA MET B 264 9.64 -9.58 20.56
C MET B 264 10.54 -8.49 20.01
N TYR B 265 10.97 -8.69 18.76
CA TYR B 265 11.95 -7.81 18.14
C TYR B 265 11.59 -7.50 16.69
N LEU B 266 12.47 -6.81 16.01
CA LEU B 266 12.37 -6.52 14.57
C LEU B 266 13.37 -7.41 13.86
N LYS B 267 12.88 -8.33 13.04
CA LYS B 267 13.72 -9.22 12.24
C LYS B 267 13.67 -8.76 10.78
N GLY B 268 14.80 -8.95 10.10
CA GLY B 268 14.89 -8.59 8.69
C GLY B 268 15.86 -9.48 7.92
N PRO B 269 16.10 -9.17 6.64
CA PRO B 269 15.35 -8.14 5.90
C PRO B 269 14.02 -8.66 5.35
N ARG B 270 13.20 -7.75 4.82
CA ARG B 270 11.96 -8.15 4.21
C ARG B 270 12.20 -8.83 2.85
N GLY B 271 11.23 -9.68 2.46
CA GLY B 271 11.20 -10.33 1.18
C GLY B 271 10.82 -9.37 0.08
N SER B 272 10.48 -9.97 -1.09
CA SER B 272 10.10 -9.13 -2.25
C SER B 272 9.12 -9.86 -3.11
N VAL B 273 8.26 -9.11 -3.75
CA VAL B 273 7.30 -9.64 -4.71
C VAL B 273 7.60 -8.97 -6.04
N VAL B 274 7.78 -9.81 -7.08
CA VAL B 274 8.34 -9.33 -8.35
C VAL B 274 7.45 -9.77 -9.50
N THR B 275 7.31 -8.91 -10.48
CA THR B 275 6.83 -9.23 -11.81
C THR B 275 7.72 -8.44 -12.76
N THR B 276 8.58 -9.15 -13.49
CA THR B 276 9.70 -8.54 -14.18
C THR B 276 9.22 -7.38 -15.04
N ASN B 277 9.87 -6.20 -14.81
CA ASN B 277 9.58 -4.99 -15.55
C ASN B 277 8.19 -4.42 -15.24
N ILE B 278 7.55 -4.87 -14.15
CA ILE B 278 6.26 -4.33 -13.76
C ILE B 278 6.34 -3.81 -12.34
N TYR B 279 6.73 -4.67 -11.38
CA TYR B 279 6.87 -4.19 -10.00
C TYR B 279 7.84 -5.02 -9.19
N LEU B 280 8.60 -4.33 -8.31
CA LEU B 280 9.60 -5.03 -7.49
C LEU B 280 9.53 -4.52 -6.06
N ASN B 281 8.33 -4.62 -5.51
CA ASN B 281 8.04 -4.10 -4.18
C ASN B 281 8.63 -5.04 -3.15
N SER B 282 8.32 -4.73 -1.88
CA SER B 282 8.73 -5.52 -0.74
C SER B 282 7.53 -6.21 -0.13
N THR B 283 7.74 -7.41 0.43
CA THR B 283 6.63 -8.13 1.01
C THR B 283 6.12 -7.42 2.27
N LEU B 284 4.82 -7.22 2.34
CA LEU B 284 4.18 -6.52 3.42
C LEU B 284 3.45 -7.49 4.37
N TYR B 285 3.39 -8.78 4.03
CA TYR B 285 2.68 -9.75 4.87
C TYR B 285 3.66 -10.60 5.63
N GLU B 286 4.72 -9.98 6.14
CA GLU B 286 5.73 -10.68 6.93
C GLU B 286 5.58 -10.27 8.38
N GLY B 287 5.75 -11.25 9.26
CA GLY B 287 5.84 -10.98 10.68
C GLY B 287 4.67 -11.51 11.46
N THR B 288 4.36 -10.84 12.58
CA THR B 288 3.31 -11.30 13.47
C THR B 288 2.18 -10.30 13.48
N LYS B 289 0.94 -10.80 13.37
CA LYS B 289 -0.20 -9.90 13.34
C LYS B 289 -0.46 -9.28 14.71
N PHE B 290 -1.07 -8.12 14.71
CA PHE B 290 -1.40 -7.38 15.91
C PHE B 290 -2.90 -7.14 15.91
N ILE B 291 -3.65 -7.91 16.66
CA ILE B 291 -5.06 -7.60 16.85
C ILE B 291 -5.25 -6.59 17.99
N ILE B 292 -6.13 -5.68 17.83
CA ILE B 292 -6.45 -4.63 18.78
C ILE B 292 -7.85 -4.96 19.34
N LYS B 293 -7.95 -4.92 20.66
CA LYS B 293 -9.17 -5.28 21.38
C LYS B 293 -9.65 -4.08 22.16
N LYS B 294 -10.98 -3.93 22.25
CA LYS B 294 -11.54 -2.85 23.04
C LYS B 294 -11.29 -3.07 24.53
N TYR B 295 -10.98 -1.97 25.22
CA TYR B 295 -10.87 -1.99 26.66
C TYR B 295 -11.87 -1.03 27.29
N ALA B 296 -11.89 0.22 26.81
CA ALA B 296 -12.77 1.26 27.34
C ALA B 296 -13.42 2.09 26.24
N SER B 297 -13.50 1.59 25.01
CA SER B 297 -14.13 2.32 23.93
C SER B 297 -15.63 2.43 24.18
N GLY B 298 -16.12 3.66 24.31
CA GLY B 298 -17.54 3.94 24.51
C GLY B 298 -18.34 3.95 23.21
N ASN B 299 -17.65 4.04 22.07
CA ASN B 299 -18.32 4.06 20.79
C ASN B 299 -18.81 2.66 20.43
N GLU B 300 -19.95 2.59 19.76
CA GLU B 300 -20.55 1.30 19.42
C GLU B 300 -19.82 0.66 18.23
N ASP B 301 -19.24 1.48 17.36
CA ASP B 301 -18.66 0.96 16.13
C ASP B 301 -17.33 0.27 16.42
N ASN B 302 -16.80 -0.38 15.39
CA ASN B 302 -15.57 -1.14 15.47
C ASN B 302 -14.38 -0.23 15.14
N ILE B 303 -14.60 1.06 14.88
CA ILE B 303 -13.53 1.94 14.46
C ILE B 303 -12.70 2.35 15.67
N VAL B 304 -11.37 2.34 15.49
CA VAL B 304 -10.43 2.77 16.51
C VAL B 304 -10.15 4.25 16.38
N ARG B 305 -10.50 5.03 17.39
CA ARG B 305 -10.40 6.48 17.35
C ARG B 305 -9.27 6.96 18.24
N ASN B 306 -9.16 8.28 18.36
CA ASN B 306 -8.05 8.87 19.10
C ASN B 306 -8.22 8.67 20.60
N ASN B 307 -7.10 8.43 21.30
CA ASN B 307 -7.06 8.28 22.75
C ASN B 307 -7.86 7.07 23.26
N ASP B 308 -8.09 6.07 22.41
CA ASP B 308 -8.82 4.89 22.81
C ASP B 308 -7.88 3.92 23.50
N ARG B 309 -8.15 3.69 24.80
CA ARG B 309 -7.36 2.72 25.54
C ARG B 309 -7.76 1.34 25.08
N VAL B 310 -6.77 0.54 24.66
CA VAL B 310 -7.05 -0.75 24.06
C VAL B 310 -6.17 -1.82 24.68
N TYR B 311 -6.34 -3.05 24.19
CA TYR B 311 -5.39 -4.14 24.38
C TYR B 311 -4.76 -4.49 23.05
N ILE B 312 -3.65 -5.19 23.06
CA ILE B 312 -2.98 -5.62 21.85
C ILE B 312 -2.77 -7.12 21.94
N ASN B 313 -3.36 -7.87 21.02
CA ASN B 313 -3.12 -9.29 20.92
C ASN B 313 -2.11 -9.55 19.81
N VAL B 314 -1.19 -10.47 20.07
CA VAL B 314 -0.18 -10.84 19.12
C VAL B 314 -0.43 -12.27 18.67
N VAL B 315 -0.52 -12.46 17.34
CA VAL B 315 -0.85 -13.75 16.77
C VAL B 315 0.45 -14.48 16.48
N VAL B 316 0.72 -15.51 17.31
CA VAL B 316 1.91 -16.33 17.18
C VAL B 316 1.45 -17.76 16.98
N LYS B 317 1.83 -18.35 15.83
CA LYS B 317 1.48 -19.72 15.49
C LYS B 317 -0.02 -19.96 15.62
N ASN B 318 -0.79 -19.02 15.07
CA ASN B 318 -2.24 -19.09 15.01
C ASN B 318 -2.83 -19.25 16.42
N LYS B 319 -2.21 -18.59 17.39
CA LYS B 319 -2.75 -18.52 18.75
C LYS B 319 -2.56 -17.10 19.27
N GLU B 320 -3.50 -16.65 20.08
CA GLU B 320 -3.54 -15.26 20.52
C GLU B 320 -2.79 -15.10 21.84
N TYR B 321 -1.94 -14.07 21.91
CA TYR B 321 -1.20 -13.70 23.11
C TYR B 321 -1.44 -12.22 23.40
N ARG B 322 -0.87 -11.71 24.49
CA ARG B 322 -1.11 -10.33 24.92
C ARG B 322 0.19 -9.55 25.02
N LEU B 323 0.16 -8.29 24.58
CA LEU B 323 1.33 -7.42 24.53
C LEU B 323 1.37 -6.63 25.85
N ALA B 324 2.38 -6.91 26.67
CA ALA B 324 2.50 -6.32 27.99
C ALA B 324 3.97 -6.23 28.38
N THR B 325 4.25 -5.41 29.41
CA THR B 325 5.58 -5.28 29.96
C THR B 325 5.54 -5.32 31.46
N ASN B 326 6.70 -5.57 32.06
CA ASN B 326 6.87 -5.35 33.49
C ASN B 326 7.34 -3.91 33.68
N ALA B 327 6.50 -3.05 34.25
CA ALA B 327 6.83 -1.64 34.35
C ALA B 327 8.03 -1.47 35.25
N SER B 328 8.08 -2.21 36.36
CA SER B 328 9.18 -2.11 37.31
C SER B 328 10.32 -3.02 36.87
N GLN B 329 11.22 -2.49 36.04
CA GLN B 329 12.41 -3.20 35.62
C GLN B 329 13.55 -2.17 35.53
N ALA B 330 14.72 -2.68 35.14
CA ALA B 330 15.91 -1.86 35.03
C ALA B 330 15.86 -1.02 33.74
N GLY B 331 16.31 0.22 33.84
CA GLY B 331 16.45 1.05 32.65
C GLY B 331 15.17 1.82 32.35
N VAL B 332 15.25 2.64 31.31
CA VAL B 332 14.08 3.39 30.87
C VAL B 332 13.29 2.58 29.82
N GLU B 333 13.98 1.75 29.05
CA GLU B 333 13.35 1.02 27.96
C GLU B 333 12.74 -0.25 28.55
N LYS B 334 11.42 -0.24 28.65
CA LYS B 334 10.71 -1.42 29.08
C LYS B 334 10.50 -2.35 27.89
N ILE B 335 11.06 -3.54 27.94
CA ILE B 335 10.96 -4.44 26.80
C ILE B 335 9.58 -5.11 26.73
N LEU B 336 9.01 -5.11 25.51
CA LEU B 336 7.69 -5.69 25.24
C LEU B 336 7.82 -7.19 25.14
N SER B 337 6.81 -7.92 25.66
CA SER B 337 6.80 -9.39 25.60
C SER B 337 5.39 -9.91 25.31
N ALA B 338 5.30 -11.13 24.81
CA ALA B 338 4.02 -11.75 24.46
C ALA B 338 3.63 -12.78 25.51
N LEU B 339 2.47 -12.60 26.12
CA LEU B 339 2.06 -13.40 27.27
C LEU B 339 0.74 -14.13 27.00
N GLU B 340 0.54 -15.23 27.73
CA GLU B 340 -0.76 -15.89 27.73
C GLU B 340 -1.81 -14.90 28.21
N ILE B 341 -2.94 -14.86 27.51
CA ILE B 341 -3.96 -13.86 27.77
C ILE B 341 -4.51 -13.97 29.19
N PRO B 342 -4.82 -15.19 29.70
CA PRO B 342 -5.20 -15.31 31.10
C PRO B 342 -4.09 -15.34 32.13
N ASP B 343 -2.81 -15.23 31.70
CA ASP B 343 -1.67 -15.28 32.61
C ASP B 343 -0.87 -13.99 32.50
N VAL B 344 -1.57 -12.86 32.39
CA VAL B 344 -0.92 -11.56 32.30
C VAL B 344 -0.86 -10.91 33.68
N GLY B 345 -1.82 -11.23 34.56
CA GLY B 345 -1.84 -10.69 35.91
C GLY B 345 -2.04 -9.19 35.89
N ASN B 346 -1.10 -8.45 36.51
CA ASN B 346 -1.23 -7.00 36.62
C ASN B 346 -0.14 -6.29 35.82
N LEU B 347 0.47 -6.99 34.85
CA LEU B 347 1.47 -6.37 34.00
C LEU B 347 0.85 -5.28 33.14
N SER B 348 1.64 -4.26 32.84
CA SER B 348 1.15 -3.11 32.12
C SER B 348 0.82 -3.51 30.69
N GLN B 349 -0.46 -3.39 30.31
CA GLN B 349 -0.92 -3.83 29.01
C GLN B 349 -1.76 -2.76 28.28
N VAL B 350 -2.40 -1.84 28.98
CA VAL B 350 -3.31 -0.91 28.34
C VAL B 350 -2.51 0.09 27.50
N VAL B 351 -2.89 0.16 26.21
CA VAL B 351 -2.24 1.03 25.26
C VAL B 351 -3.19 2.12 24.89
N VAL B 352 -2.70 3.37 24.94
CA VAL B 352 -3.46 4.52 24.49
C VAL B 352 -3.05 4.81 23.05
N MET B 353 -4.00 4.69 22.12
CA MET B 353 -3.73 4.85 20.70
C MET B 353 -3.83 6.33 20.35
N LYS B 354 -2.82 6.84 19.64
CA LYS B 354 -2.76 8.26 19.29
C LYS B 354 -2.80 8.41 17.77
N SER B 355 -3.61 9.37 17.31
CA SER B 355 -3.72 9.70 15.90
C SER B 355 -3.07 11.04 15.57
N LYS B 356 -3.34 12.06 16.41
CA LYS B 356 -2.74 13.36 16.25
C LYS B 356 -1.96 13.72 17.51
N ASP B 357 -1.13 14.77 17.39
CA ASP B 357 -0.25 15.18 18.47
C ASP B 357 -1.01 16.05 19.47
N ASP B 358 -0.28 16.65 20.40
CA ASP B 358 -0.89 17.52 21.40
C ASP B 358 -1.54 18.74 20.75
N GLN B 359 -0.87 19.32 19.76
CA GLN B 359 -1.37 20.50 19.08
C GLN B 359 -2.48 20.16 18.08
N GLY B 360 -2.72 18.87 17.83
CA GLY B 360 -3.75 18.45 16.88
C GLY B 360 -3.20 18.18 15.48
N ILE B 361 -1.87 18.25 15.31
CA ILE B 361 -1.25 18.00 14.01
C ILE B 361 -1.31 16.52 13.71
N ARG B 362 -1.86 16.17 12.55
CA ARG B 362 -2.02 14.77 12.16
C ARG B 362 -0.65 14.14 11.91
N ASN B 363 -0.45 12.93 12.46
CA ASN B 363 0.76 12.15 12.25
C ASN B 363 0.38 10.68 12.14
N LYS B 364 1.38 9.80 12.04
CA LYS B 364 1.09 8.38 11.92
C LYS B 364 0.66 7.78 13.26
N CYS B 365 0.55 6.46 13.29
CA CYS B 365 0.05 5.75 14.46
C CYS B 365 1.13 5.65 15.52
N LYS B 366 0.79 6.08 16.76
CA LYS B 366 1.65 5.87 17.90
C LYS B 366 0.88 5.17 19.02
N MET B 367 1.57 4.32 19.74
CA MET B 367 0.98 3.53 20.80
C MET B 367 1.65 3.90 22.12
N ASN B 368 0.83 4.21 23.11
CA ASN B 368 1.30 4.71 24.39
C ASN B 368 0.93 3.70 25.49
N LEU B 369 1.89 2.87 25.87
CA LEU B 369 1.70 1.84 26.90
C LEU B 369 1.51 2.46 28.27
N GLN B 370 0.49 2.02 28.98
CA GLN B 370 0.08 2.58 30.25
C GLN B 370 -0.21 1.46 31.25
N ASP B 371 -0.08 1.78 32.54
CA ASP B 371 -0.35 0.83 33.60
C ASP B 371 -1.76 1.02 34.13
N ASN B 372 -2.09 0.34 35.24
CA ASN B 372 -3.43 0.43 35.80
C ASN B 372 -3.64 1.73 36.58
N ASN B 373 -2.56 2.45 36.89
CA ASN B 373 -2.68 3.73 37.57
C ASN B 373 -2.76 4.91 36.59
N GLY B 374 -2.86 4.62 35.30
CA GLY B 374 -2.92 5.66 34.29
C GLY B 374 -1.59 6.40 34.14
N ASN B 375 -0.47 5.69 34.32
CA ASN B 375 0.85 6.28 34.26
C ASN B 375 1.54 5.86 32.96
N ASP B 376 2.16 6.82 32.30
CA ASP B 376 2.73 6.61 30.98
C ASP B 376 4.07 5.92 31.10
N ILE B 377 4.13 4.64 30.77
CA ILE B 377 5.40 3.98 30.54
C ILE B 377 6.11 4.56 29.33
N GLY B 378 5.32 4.93 28.32
CA GLY B 378 5.87 5.68 27.19
C GLY B 378 5.39 5.15 25.86
N PHE B 379 5.82 5.80 24.79
CA PHE B 379 5.50 5.35 23.44
C PHE B 379 6.24 4.06 23.13
N ILE B 380 5.55 3.14 22.45
CA ILE B 380 6.10 1.89 22.01
C ILE B 380 7.01 2.11 20.82
N GLY B 381 8.22 1.60 20.92
CA GLY B 381 9.22 1.78 19.89
C GLY B 381 10.16 0.60 19.87
N PHE B 382 11.37 0.87 19.37
CA PHE B 382 12.40 -0.15 19.37
C PHE B 382 13.70 0.44 19.88
N HIS B 383 14.49 -0.42 20.52
CA HIS B 383 15.80 -0.06 21.02
C HIS B 383 16.76 -1.23 20.84
N LEU B 384 17.96 -0.94 20.30
CA LEU B 384 18.87 -2.02 19.93
C LEU B 384 19.63 -2.47 21.15
N TYR B 385 19.50 -3.74 21.52
CA TYR B 385 20.37 -4.38 22.51
C TYR B 385 21.29 -5.35 21.77
N ASP B 386 22.60 -5.11 21.87
CA ASP B 386 23.64 -5.94 21.29
C ASP B 386 23.24 -6.47 19.91
N ASN B 387 22.86 -5.51 19.05
CA ASN B 387 22.52 -5.74 17.65
C ASN B 387 21.24 -6.53 17.46
N ILE B 388 20.36 -6.55 18.47
CA ILE B 388 19.01 -7.03 18.35
C ILE B 388 18.05 -5.87 18.60
N ALA B 389 17.24 -5.53 17.57
CA ALA B 389 16.34 -4.38 17.68
C ALA B 389 15.11 -4.86 18.41
N LYS B 390 15.15 -4.75 19.72
CA LYS B 390 14.12 -5.30 20.59
C LYS B 390 13.05 -4.23 20.81
N LEU B 391 11.80 -4.65 20.80
CA LEU B 391 10.68 -3.71 20.94
C LEU B 391 10.57 -3.29 22.39
N VAL B 392 10.51 -1.96 22.61
CA VAL B 392 10.48 -1.42 23.95
C VAL B 392 9.40 -0.39 24.06
N ALA B 393 8.99 -0.11 25.33
CA ALA B 393 8.20 1.06 25.66
C ALA B 393 9.04 2.01 26.49
N SER B 394 9.21 3.25 26.03
CA SER B 394 10.13 4.18 26.66
C SER B 394 9.53 5.56 26.79
N ASN B 395 9.95 6.28 27.85
CA ASN B 395 9.56 7.67 28.03
C ASN B 395 10.51 8.64 27.35
N TRP B 396 11.59 8.13 26.75
CA TRP B 396 12.51 8.98 25.99
C TRP B 396 11.78 9.61 24.80
N TYR B 397 10.93 8.83 24.13
CA TYR B 397 10.12 9.35 23.03
C TYR B 397 9.19 10.45 23.52
N ASN B 398 8.61 10.28 24.71
CA ASN B 398 7.81 11.35 25.30
C ASN B 398 8.65 12.60 25.56
N ARG B 399 9.90 12.43 26.00
CA ARG B 399 10.76 13.57 26.24
C ARG B 399 11.05 14.34 24.94
N GLN B 400 11.37 13.62 23.85
CA GLN B 400 11.58 14.30 22.57
C GLN B 400 10.30 14.96 22.07
N VAL B 401 9.14 14.32 22.28
CA VAL B 401 7.88 14.94 21.87
C VAL B 401 7.67 16.24 22.64
N GLY B 402 7.94 16.23 23.94
CA GLY B 402 7.87 17.45 24.74
C GLY B 402 8.85 18.52 24.27
N LYS B 403 10.03 18.09 23.83
CA LYS B 403 11.04 19.02 23.33
C LYS B 403 10.89 19.31 21.84
N ALA B 404 9.85 18.74 21.19
CA ALA B 404 9.60 18.92 19.77
C ALA B 404 10.78 18.47 18.92
N SER B 405 11.40 17.36 19.35
CA SER B 405 12.52 16.75 18.63
C SER B 405 11.99 15.67 17.68
N ARG B 406 12.91 15.09 16.91
CA ARG B 406 12.56 14.02 15.98
C ARG B 406 12.61 12.67 16.70
N THR B 407 11.44 12.12 16.99
CA THR B 407 11.37 10.80 17.57
C THR B 407 11.78 9.75 16.56
N PHE B 408 12.49 8.73 17.06
CA PHE B 408 13.07 7.72 16.20
C PHE B 408 12.49 6.36 16.56
N GLY B 409 11.52 5.88 15.76
CA GLY B 409 11.09 4.50 15.85
C GLY B 409 9.76 4.30 16.55
N CYS B 410 9.07 5.37 16.93
CA CYS B 410 7.86 5.25 17.68
C CYS B 410 6.60 5.38 16.79
N SER B 411 6.78 5.49 15.46
CA SER B 411 5.65 5.62 14.54
C SER B 411 5.46 4.31 13.75
N TRP B 412 4.21 3.84 13.68
CA TRP B 412 3.93 2.51 13.14
C TRP B 412 2.84 2.60 12.06
N GLU B 413 2.80 1.56 11.21
CA GLU B 413 1.77 1.38 10.21
C GLU B 413 1.13 0.02 10.40
N PHE B 414 -0.18 -0.06 10.18
CA PHE B 414 -0.92 -1.31 10.34
C PHE B 414 -1.37 -1.78 8.95
N ILE B 415 -0.87 -2.97 8.56
CA ILE B 415 -1.07 -3.47 7.20
C ILE B 415 -1.97 -4.68 7.21
N PRO B 416 -3.25 -4.54 6.84
CA PRO B 416 -4.10 -5.71 6.65
C PRO B 416 -3.92 -6.28 5.26
N VAL B 417 -4.51 -7.46 5.05
CA VAL B 417 -4.52 -8.05 3.72
C VAL B 417 -5.53 -7.30 2.86
N ASP B 418 -5.07 -6.80 1.70
CA ASP B 418 -5.91 -6.10 0.76
C ASP B 418 -5.88 -6.78 -0.60
N ASP B 419 -7.01 -6.72 -1.31
CA ASP B 419 -7.12 -7.31 -2.63
C ASP B 419 -6.31 -6.54 -3.68
N GLY B 420 -6.12 -5.25 -3.47
CA GLY B 420 -5.40 -4.42 -4.42
C GLY B 420 -3.88 -4.59 -4.38
N TRP B 421 -3.36 -5.33 -3.42
CA TRP B 421 -1.92 -5.56 -3.36
C TRP B 421 -1.56 -6.94 -3.94
N GLY B 422 -2.35 -7.96 -3.64
CA GLY B 422 -2.24 -9.23 -4.32
C GLY B 422 -1.13 -10.13 -3.84
N GLU B 423 -0.45 -9.79 -2.76
CA GLU B 423 0.63 -10.63 -2.30
C GLU B 423 0.08 -11.97 -1.82
N SER B 424 0.83 -13.04 -2.08
CA SER B 424 0.45 -14.37 -1.66
C SER B 424 0.88 -14.58 -0.21
N SER B 425 -0.11 -14.65 0.69
CA SER B 425 0.13 -14.83 2.11
C SER B 425 0.25 -16.33 2.43
#